data_5J3Q
#
_entry.id   5J3Q
#
_cell.length_a   41.635
_cell.length_b   70.085
_cell.length_c   96.685
_cell.angle_alpha   90.00
_cell.angle_beta   90.00
_cell.angle_gamma   90.00
#
_symmetry.space_group_name_H-M   'P 21 21 21'
#
loop_
_entity.id
_entity.type
_entity.pdbx_description
1 polymer 'mRNA-decapping enzyme subunit 1'
2 polymer Edc1
3 water water
#
loop_
_entity_poly.entity_id
_entity_poly.type
_entity_poly.pdbx_seq_one_letter_code
_entity_poly.pdbx_strand_id
1 'polypeptide(L)'
;GPHMEDENILRNAVNLQVLKFHYPEIESIIDIASHVAVYQFDVGSQKWLKTSIEGTFFLVKDQRARVGYVILNRNSPENL
YLFINHPSNVHLVDRYLIHRTENQHVVGLWMFDPNDMSRIFNIVKESLLR
;
A,C
2 'polypeptide(L)' SILYAGPTFTHSPAASNLPIPTFLHS B,D
#
# COMPACT_ATOMS: atom_id res chain seq x y z
N ASP A 6 39.65 -14.31 1.35
CA ASP A 6 38.23 -14.35 1.01
C ASP A 6 37.40 -13.34 1.82
N GLU A 7 36.73 -12.44 1.09
CA GLU A 7 35.85 -11.36 1.53
C GLU A 7 34.74 -11.80 2.50
N ASN A 8 34.10 -12.94 2.22
CA ASN A 8 33.00 -13.46 3.04
C ASN A 8 33.46 -13.91 4.42
N ILE A 9 34.70 -14.45 4.52
CA ILE A 9 35.29 -14.88 5.79
C ILE A 9 35.40 -13.66 6.73
N LEU A 10 35.98 -12.55 6.22
CA LEU A 10 36.10 -11.30 6.97
C LEU A 10 34.73 -10.72 7.31
N ARG A 11 33.82 -10.63 6.30
CA ARG A 11 32.46 -10.11 6.51
C ARG A 11 31.75 -10.85 7.63
N ASN A 12 31.71 -12.18 7.56
CA ASN A 12 31.04 -12.98 8.58
C ASN A 12 31.65 -12.77 9.97
N ALA A 13 33.01 -12.75 10.10
CA ALA A 13 33.70 -12.57 11.37
C ALA A 13 33.33 -11.22 11.98
N VAL A 14 33.36 -10.14 11.16
CA VAL A 14 33.03 -8.77 11.58
C VAL A 14 31.57 -8.71 12.00
N ASN A 15 30.65 -9.19 11.13
CA ASN A 15 29.20 -9.19 11.40
C ASN A 15 28.86 -9.91 12.69
N LEU A 16 29.51 -11.06 12.95
CA LEU A 16 29.24 -11.82 14.16
C LEU A 16 29.59 -10.99 15.41
N GLN A 17 30.68 -10.20 15.36
CA GLN A 17 31.06 -9.35 16.51
C GLN A 17 30.02 -8.22 16.73
N VAL A 18 29.49 -7.66 15.63
CA VAL A 18 28.46 -6.63 15.68
C VAL A 18 27.21 -7.23 16.36
N LEU A 19 26.80 -8.43 15.89
CA LEU A 19 25.63 -9.15 16.45
C LEU A 19 25.83 -9.49 17.92
N LYS A 20 27.03 -10.02 18.28
CA LYS A 20 27.37 -10.40 19.66
C LYS A 20 27.45 -9.20 20.58
N PHE A 21 27.78 -8.00 20.04
CA PHE A 21 27.83 -6.80 20.86
C PHE A 21 26.41 -6.49 21.38
N HIS A 22 25.43 -6.57 20.49
CA HIS A 22 24.02 -6.36 20.81
C HIS A 22 23.41 -7.53 21.58
N TYR A 23 23.70 -8.75 21.15
CA TYR A 23 23.14 -10.00 21.68
C TYR A 23 24.26 -11.00 21.95
N PRO A 24 24.91 -10.90 23.14
CA PRO A 24 26.03 -11.83 23.46
C PRO A 24 25.71 -13.32 23.41
N GLU A 25 24.44 -13.67 23.57
CA GLU A 25 23.95 -15.05 23.52
C GLU A 25 23.95 -15.63 22.08
N ILE A 26 24.13 -14.80 21.03
CA ILE A 26 24.22 -15.30 19.63
C ILE A 26 25.56 -16.04 19.49
N GLU A 27 25.50 -17.30 19.01
CA GLU A 27 26.67 -18.17 18.82
C GLU A 27 27.21 -18.11 17.38
N SER A 28 26.34 -18.14 16.37
CA SER A 28 26.82 -18.12 15.00
C SER A 28 25.81 -17.56 14.05
N ILE A 29 26.29 -17.15 12.87
CA ILE A 29 25.45 -16.72 11.76
C ILE A 29 25.24 -17.96 10.87
N ILE A 30 23.98 -18.26 10.52
CA ILE A 30 23.62 -19.39 9.64
C ILE A 30 23.58 -18.88 8.17
N ASP A 31 22.92 -17.74 7.95
CA ASP A 31 22.78 -17.16 6.60
C ASP A 31 22.42 -15.70 6.73
N ILE A 32 22.49 -14.96 5.60
CA ILE A 32 22.30 -13.51 5.53
C ILE A 32 21.53 -13.11 4.27
N ALA A 33 20.76 -12.02 4.38
CA ALA A 33 20.05 -11.41 3.25
C ALA A 33 20.14 -9.90 3.44
N SER A 34 20.50 -9.15 2.37
CA SER A 34 20.82 -7.71 2.47
C SER A 34 19.73 -6.63 2.79
N HIS A 35 18.69 -6.44 1.99
CA HIS A 35 17.68 -5.38 2.13
C HIS A 35 16.34 -6.04 2.53
N VAL A 36 16.10 -6.20 3.83
CA VAL A 36 14.86 -6.80 4.35
C VAL A 36 14.05 -5.71 5.05
N ALA A 37 12.74 -5.65 4.77
CA ALA A 37 11.80 -4.70 5.37
C ALA A 37 10.84 -5.52 6.26
N VAL A 38 10.53 -4.99 7.44
CA VAL A 38 9.66 -5.63 8.44
C VAL A 38 8.29 -4.96 8.47
N TYR A 39 7.23 -5.79 8.45
CA TYR A 39 5.83 -5.38 8.52
C TYR A 39 5.24 -6.07 9.71
N GLN A 40 4.21 -5.47 10.28
CA GLN A 40 3.52 -6.03 11.44
C GLN A 40 2.01 -6.09 11.16
N PHE A 41 1.36 -7.20 11.50
CA PHE A 41 -0.07 -7.35 11.27
C PHE A 41 -0.88 -6.92 12.49
N ASP A 42 -1.86 -6.04 12.28
CA ASP A 42 -2.80 -5.61 13.32
C ASP A 42 -4.00 -6.56 13.22
N VAL A 43 -4.27 -7.28 14.31
CA VAL A 43 -5.28 -8.34 14.40
C VAL A 43 -6.74 -7.88 14.31
N GLY A 44 -7.14 -6.92 15.16
CA GLY A 44 -8.49 -6.40 15.21
C GLY A 44 -8.86 -5.56 14.01
N SER A 45 -7.87 -4.80 13.50
CA SER A 45 -8.02 -3.90 12.35
C SER A 45 -7.96 -4.66 11.03
N GLN A 46 -7.39 -5.88 11.06
CA GLN A 46 -7.17 -6.76 9.91
C GLN A 46 -6.24 -6.07 8.87
N LYS A 47 -5.26 -5.26 9.34
CA LYS A 47 -4.36 -4.55 8.45
C LYS A 47 -2.89 -4.69 8.77
N TRP A 48 -2.07 -4.63 7.72
CA TRP A 48 -0.63 -4.67 7.82
C TRP A 48 -0.11 -3.24 8.00
N LEU A 49 1.00 -3.09 8.74
CA LEU A 49 1.69 -1.84 8.99
C LEU A 49 3.15 -2.01 8.63
N LYS A 50 3.73 -1.06 7.90
CA LYS A 50 5.15 -1.13 7.59
C LYS A 50 5.87 -0.51 8.79
N THR A 51 6.81 -1.26 9.40
CA THR A 51 7.55 -0.75 10.57
C THR A 51 8.72 0.15 10.15
N SER A 52 9.43 0.71 11.13
CA SER A 52 10.62 1.53 10.90
C SER A 52 11.88 0.64 10.74
N ILE A 53 11.74 -0.69 10.81
CA ILE A 53 12.89 -1.60 10.72
C ILE A 53 13.12 -2.08 9.29
N GLU A 54 14.29 -1.73 8.74
CA GLU A 54 14.74 -2.11 7.42
C GLU A 54 16.26 -2.22 7.44
N GLY A 55 16.80 -3.32 6.94
CA GLY A 55 18.25 -3.48 6.90
C GLY A 55 18.70 -4.86 6.52
N THR A 56 19.84 -5.26 7.07
CA THR A 56 20.41 -6.56 6.79
C THR A 56 19.84 -7.59 7.74
N PHE A 57 19.39 -8.71 7.17
CA PHE A 57 18.83 -9.84 7.89
C PHE A 57 19.91 -10.87 8.16
N PHE A 58 19.98 -11.37 9.39
CA PHE A 58 20.93 -12.41 9.80
C PHE A 58 20.18 -13.55 10.43
N LEU A 59 20.25 -14.75 9.83
CA LEU A 59 19.65 -15.92 10.48
C LEU A 59 20.71 -16.43 11.44
N VAL A 60 20.36 -16.58 12.71
CA VAL A 60 21.34 -16.93 13.75
C VAL A 60 20.95 -18.14 14.62
N LYS A 61 21.95 -18.68 15.33
CA LYS A 61 21.80 -19.74 16.32
C LYS A 61 22.34 -19.18 17.65
N ASP A 62 21.66 -19.42 18.78
CA ASP A 62 22.20 -18.95 20.06
C ASP A 62 22.99 -20.09 20.69
N GLN A 63 23.49 -19.90 21.92
CA GLN A 63 24.32 -20.88 22.63
C GLN A 63 23.58 -22.20 22.92
N ARG A 64 22.23 -22.19 22.90
CA ARG A 64 21.39 -23.37 23.16
C ARG A 64 20.81 -23.96 21.86
N ALA A 65 21.40 -23.55 20.71
CA ALA A 65 21.03 -23.93 19.32
C ALA A 65 19.61 -23.49 18.89
N ARG A 66 19.01 -22.50 19.61
CA ARG A 66 17.71 -21.95 19.21
C ARG A 66 17.94 -21.10 17.96
N VAL A 67 17.06 -21.19 17.02
CA VAL A 67 17.18 -20.49 15.75
C VAL A 67 16.41 -19.19 15.86
N GLY A 68 16.97 -18.12 15.30
CA GLY A 68 16.30 -16.83 15.28
C GLY A 68 16.88 -15.94 14.21
N TYR A 69 16.43 -14.68 14.18
CA TYR A 69 16.96 -13.74 13.22
C TYR A 69 17.09 -12.37 13.78
N VAL A 70 18.11 -11.64 13.29
CA VAL A 70 18.36 -10.26 13.65
C VAL A 70 18.24 -9.44 12.39
N ILE A 71 17.55 -8.31 12.49
CA ILE A 71 17.54 -7.31 11.42
C ILE A 71 18.26 -6.08 11.99
N LEU A 72 19.42 -5.76 11.41
CA LEU A 72 20.22 -4.61 11.83
C LEU A 72 19.70 -3.39 11.08
N ASN A 73 18.96 -2.54 11.79
CA ASN A 73 18.32 -1.37 11.21
C ASN A 73 19.34 -0.28 10.87
N ARG A 74 19.50 0.00 9.57
CA ARG A 74 20.43 1.03 9.07
C ARG A 74 19.86 2.45 9.19
N ASN A 75 18.52 2.58 9.22
CA ASN A 75 17.81 3.86 9.31
C ASN A 75 17.88 4.44 10.72
N SER A 76 17.41 3.67 11.72
CA SER A 76 17.34 4.02 13.15
C SER A 76 18.16 3.03 14.00
N PRO A 77 18.68 3.40 15.21
CA PRO A 77 19.47 2.42 15.99
C PRO A 77 18.70 1.18 16.51
N GLU A 78 17.35 1.23 16.57
CA GLU A 78 16.53 0.09 17.05
C GLU A 78 16.47 -1.07 16.04
N ASN A 79 17.09 -2.20 16.42
CA ASN A 79 17.17 -3.45 15.66
C ASN A 79 16.09 -4.43 16.11
N LEU A 80 15.98 -5.57 15.42
CA LEU A 80 14.99 -6.57 15.79
C LEU A 80 15.65 -7.95 15.91
N TYR A 81 15.39 -8.67 17.02
CA TYR A 81 15.85 -10.04 17.23
C TYR A 81 14.66 -10.87 17.65
N LEU A 82 14.27 -11.85 16.81
CA LEU A 82 13.16 -12.75 17.12
C LEU A 82 13.60 -14.21 17.00
N PHE A 83 12.96 -15.13 17.73
CA PHE A 83 13.23 -16.56 17.59
C PHE A 83 12.20 -17.16 16.65
N ILE A 84 12.58 -18.26 15.98
CA ILE A 84 11.64 -19.04 15.19
C ILE A 84 11.53 -20.31 16.01
N ASN A 85 10.47 -20.39 16.80
CA ASN A 85 10.24 -21.45 17.79
C ASN A 85 9.84 -22.77 17.18
N HIS A 86 9.08 -22.75 16.07
CA HIS A 86 8.59 -23.97 15.41
CA HIS A 86 8.62 -23.97 15.43
C HIS A 86 8.60 -23.74 13.91
N PRO A 87 9.02 -24.74 13.09
CA PRO A 87 9.04 -24.52 11.63
C PRO A 87 7.72 -24.12 11.00
N SER A 88 6.59 -24.62 11.53
CA SER A 88 5.25 -24.34 11.03
C SER A 88 4.84 -22.86 11.22
N ASN A 89 5.60 -22.10 12.04
CA ASN A 89 5.33 -20.69 12.30
C ASN A 89 5.80 -19.78 11.18
N VAL A 90 6.53 -20.32 10.18
CA VAL A 90 7.05 -19.51 9.06
C VAL A 90 6.44 -20.02 7.77
N HIS A 91 5.82 -19.11 7.02
CA HIS A 91 5.18 -19.43 5.75
C HIS A 91 5.64 -18.49 4.66
N LEU A 92 5.89 -19.06 3.47
CA LEU A 92 6.27 -18.25 2.32
C LEU A 92 4.94 -17.97 1.63
N VAL A 93 4.47 -16.74 1.75
CA VAL A 93 3.18 -16.35 1.18
C VAL A 93 3.43 -15.26 0.16
N ASP A 94 3.17 -15.58 -1.11
CA ASP A 94 3.37 -14.67 -2.23
C ASP A 94 4.85 -14.21 -2.26
N ARG A 95 5.13 -12.95 -1.98
CA ARG A 95 6.47 -12.39 -2.02
C ARG A 95 7.07 -12.18 -0.59
N TYR A 96 6.38 -12.70 0.44
CA TYR A 96 6.77 -12.46 1.83
C TYR A 96 6.93 -13.68 2.70
N LEU A 97 7.81 -13.57 3.71
CA LEU A 97 7.95 -14.57 4.75
C LEU A 97 7.04 -14.08 5.89
N ILE A 98 6.04 -14.86 6.23
CA ILE A 98 5.07 -14.55 7.28
C ILE A 98 5.45 -15.38 8.47
N HIS A 99 5.78 -14.71 9.57
CA HIS A 99 6.22 -15.32 10.80
C HIS A 99 5.16 -15.08 11.87
N ARG A 100 4.45 -16.14 12.24
CA ARG A 100 3.36 -16.06 13.20
C ARG A 100 3.77 -16.85 14.43
N THR A 101 4.27 -16.16 15.44
CA THR A 101 4.70 -16.76 16.71
C THR A 101 3.53 -17.12 17.62
N GLU A 102 2.43 -16.41 17.45
CA GLU A 102 1.20 -16.57 18.21
C GLU A 102 0.08 -16.02 17.34
N ASN A 103 -1.15 -16.52 17.51
CA ASN A 103 -2.34 -16.16 16.73
C ASN A 103 -2.43 -14.66 16.45
N GLN A 104 -2.22 -13.85 17.50
CA GLN A 104 -2.33 -12.41 17.45
C GLN A 104 -1.04 -11.70 17.11
N HIS A 105 0.10 -12.44 17.02
CA HIS A 105 1.39 -11.81 16.82
C HIS A 105 2.06 -12.28 15.54
N VAL A 106 1.88 -11.44 14.51
CA VAL A 106 2.35 -11.75 13.16
C VAL A 106 3.25 -10.66 12.61
N VAL A 107 4.38 -11.07 12.04
CA VAL A 107 5.30 -10.19 11.35
C VAL A 107 5.49 -10.70 9.91
N GLY A 108 5.79 -9.78 9.00
CA GLY A 108 6.01 -10.08 7.59
C GLY A 108 7.35 -9.52 7.17
N LEU A 109 8.13 -10.31 6.44
CA LEU A 109 9.43 -9.91 5.94
C LEU A 109 9.42 -9.87 4.43
N TRP A 110 9.92 -8.77 3.87
CA TRP A 110 10.07 -8.61 2.43
C TRP A 110 11.56 -8.52 2.19
N MET A 111 12.06 -9.35 1.29
CA MET A 111 13.49 -9.36 0.93
C MET A 111 13.60 -8.82 -0.49
N PHE A 112 14.54 -7.90 -0.76
CA PHE A 112 14.73 -7.32 -2.11
C PHE A 112 14.91 -8.41 -3.15
N ASP A 113 15.80 -9.36 -2.86
CA ASP A 113 16.10 -10.45 -3.79
C ASP A 113 15.15 -11.61 -3.51
N PRO A 114 14.23 -11.98 -4.44
CA PRO A 114 13.33 -13.13 -4.18
C PRO A 114 14.07 -14.46 -3.94
N ASN A 115 15.29 -14.60 -4.51
CA ASN A 115 16.14 -15.78 -4.28
C ASN A 115 16.57 -15.88 -2.83
N ASP A 116 16.68 -14.74 -2.11
CA ASP A 116 17.06 -14.75 -0.69
C ASP A 116 15.90 -15.33 0.14
N MET A 117 14.68 -14.90 -0.16
CA MET A 117 13.45 -15.30 0.50
C MET A 117 13.25 -16.85 0.48
N SER A 118 13.40 -17.46 -0.70
CA SER A 118 13.21 -18.89 -0.90
C SER A 118 14.35 -19.68 -0.25
N ARG A 119 15.63 -19.21 -0.38
CA ARG A 119 16.80 -19.86 0.25
C ARG A 119 16.64 -19.81 1.77
N ILE A 120 16.32 -18.60 2.33
CA ILE A 120 16.18 -18.40 3.78
C ILE A 120 15.05 -19.27 4.34
N PHE A 121 13.93 -19.38 3.61
CA PHE A 121 12.82 -20.23 4.05
C PHE A 121 13.34 -21.68 4.30
N ASN A 122 14.06 -22.24 3.30
CA ASN A 122 14.60 -23.60 3.35
C ASN A 122 15.59 -23.73 4.50
N ILE A 123 16.47 -22.74 4.66
CA ILE A 123 17.49 -22.79 5.70
C ILE A 123 16.85 -22.75 7.08
N VAL A 124 15.75 -21.98 7.23
CA VAL A 124 15.00 -21.93 8.47
C VAL A 124 14.48 -23.35 8.79
N LYS A 125 13.79 -23.98 7.84
CA LYS A 125 13.25 -25.33 8.03
C LYS A 125 14.33 -26.36 8.34
N GLU A 126 15.43 -26.34 7.57
CA GLU A 126 16.53 -27.29 7.78
C GLU A 126 17.25 -27.05 9.10
N SER A 127 17.34 -25.78 9.55
CA SER A 127 17.96 -25.43 10.85
C SER A 127 17.13 -25.94 12.04
N LEU A 128 15.81 -26.16 11.83
CA LEU A 128 14.90 -26.63 12.88
C LEU A 128 14.64 -28.13 12.80
N LEU A 129 15.15 -28.77 11.75
CA LEU A 129 15.02 -30.20 11.50
C LEU A 129 15.82 -31.00 12.52
N ARG A 130 15.17 -31.98 13.18
CA ARG A 130 15.83 -32.84 14.18
C ARG A 130 15.85 -34.32 13.75
N HIS B 11 11.00 1.84 -2.35
CA HIS B 11 11.72 0.57 -2.54
C HIS B 11 10.85 -0.61 -2.07
N SER B 12 10.67 -0.78 -0.74
CA SER B 12 9.85 -1.85 -0.15
C SER B 12 8.36 -1.57 -0.40
N PRO B 13 7.55 -2.59 -0.77
CA PRO B 13 6.13 -2.34 -1.07
C PRO B 13 5.31 -1.75 0.06
N ALA B 14 4.21 -1.08 -0.28
CA ALA B 14 3.30 -0.52 0.71
C ALA B 14 2.68 -1.70 1.46
N ALA B 15 2.42 -1.51 2.78
CA ALA B 15 1.83 -2.54 3.65
C ALA B 15 0.55 -3.16 3.06
N SER B 16 -0.21 -2.37 2.29
CA SER B 16 -1.45 -2.81 1.64
C SER B 16 -1.27 -3.94 0.62
N ASN B 17 -0.03 -4.15 0.12
CA ASN B 17 0.27 -5.22 -0.84
C ASN B 17 0.41 -6.60 -0.19
N LEU B 18 0.58 -6.66 1.14
CA LEU B 18 0.78 -7.92 1.86
C LEU B 18 -0.50 -8.75 1.99
N PRO B 19 -0.39 -10.09 1.83
CA PRO B 19 -1.59 -10.93 1.89
C PRO B 19 -2.20 -11.05 3.29
N ILE B 20 -3.53 -11.12 3.32
CA ILE B 20 -4.30 -11.44 4.49
C ILE B 20 -4.95 -12.79 4.05
N PRO B 21 -4.20 -13.92 4.10
CA PRO B 21 -4.78 -15.19 3.65
C PRO B 21 -5.75 -15.75 4.70
N THR B 22 -6.44 -16.87 4.39
CA THR B 22 -7.40 -17.54 5.28
C THR B 22 -6.84 -17.72 6.71
N PHE B 23 -5.60 -18.25 6.83
CA PHE B 23 -4.92 -18.47 8.12
C PHE B 23 -4.72 -17.17 8.93
N LEU B 24 -4.57 -16.01 8.23
CA LEU B 24 -4.42 -14.70 8.84
C LEU B 24 -5.78 -14.01 8.99
N ASP C 6 9.84 9.57 -18.20
CA ASP C 6 10.81 10.57 -17.72
C ASP C 6 10.09 11.76 -17.05
N GLU C 7 9.65 12.77 -17.84
CA GLU C 7 8.93 13.95 -17.32
C GLU C 7 7.70 13.55 -16.51
N ASN C 8 6.96 12.51 -16.98
CA ASN C 8 5.79 11.97 -16.29
C ASN C 8 6.15 11.31 -14.97
N ILE C 9 7.34 10.66 -14.89
CA ILE C 9 7.84 10.02 -13.66
C ILE C 9 8.04 11.12 -12.59
N LEU C 10 8.72 12.23 -12.96
CA LEU C 10 8.90 13.38 -12.07
C LEU C 10 7.54 14.00 -11.72
N ARG C 11 6.67 14.23 -12.73
CA ARG C 11 5.34 14.81 -12.55
C ARG C 11 4.51 14.02 -11.51
N ASN C 12 4.45 12.67 -11.64
CA ASN C 12 3.73 11.78 -10.71
C ASN C 12 4.32 11.81 -9.28
N ALA C 13 5.67 11.83 -9.14
CA ALA C 13 6.34 11.89 -7.84
C ALA C 13 6.00 13.22 -7.14
N VAL C 14 6.04 14.35 -7.90
CA VAL C 14 5.72 15.70 -7.41
C VAL C 14 4.25 15.75 -6.99
N ASN C 15 3.33 15.30 -7.87
CA ASN C 15 1.87 15.27 -7.61
C ASN C 15 1.55 14.48 -6.36
N LEU C 16 2.21 13.33 -6.16
CA LEU C 16 1.94 12.53 -4.95
C LEU C 16 2.29 13.32 -3.67
N GLN C 17 3.37 14.12 -3.71
CA GLN C 17 3.75 14.92 -2.53
C GLN C 17 2.72 16.05 -2.27
N VAL C 18 2.18 16.65 -3.34
CA VAL C 18 1.14 17.68 -3.27
C VAL C 18 -0.12 17.04 -2.62
N LEU C 19 -0.52 15.84 -3.12
CA LEU C 19 -1.66 15.08 -2.58
C LEU C 19 -1.46 14.72 -1.11
N LYS C 20 -0.27 14.20 -0.76
CA LYS C 20 0.07 13.80 0.61
C LYS C 20 0.15 14.98 1.57
N PHE C 21 0.48 16.18 1.05
CA PHE C 21 0.51 17.38 1.90
C PHE C 21 -0.93 17.67 2.40
N HIS C 22 -1.90 17.59 1.50
CA HIS C 22 -3.31 17.81 1.81
C HIS C 22 -3.92 16.62 2.57
N TYR C 23 -3.60 15.40 2.12
CA TYR C 23 -4.16 14.15 2.64
C TYR C 23 -3.05 13.14 2.91
N PRO C 24 -2.40 13.22 4.10
CA PRO C 24 -1.27 12.32 4.42
C PRO C 24 -1.55 10.83 4.35
N GLU C 25 -2.83 10.46 4.50
CA GLU C 25 -3.28 9.07 4.43
C GLU C 25 -3.27 8.51 2.98
N ILE C 26 -3.10 9.36 1.93
CA ILE C 26 -2.98 8.88 0.53
C ILE C 26 -1.64 8.17 0.39
N GLU C 27 -1.66 6.92 -0.13
CA GLU C 27 -0.48 6.07 -0.34
C GLU C 27 0.05 6.17 -1.76
N SER C 28 -0.82 6.14 -2.77
CA SER C 28 -0.33 6.18 -4.14
C SER C 28 -1.36 6.74 -5.10
N ILE C 29 -0.91 7.18 -6.26
CA ILE C 29 -1.76 7.61 -7.36
C ILE C 29 -1.94 6.36 -8.26
N ILE C 30 -3.19 6.01 -8.60
CA ILE C 30 -3.53 4.89 -9.49
C ILE C 30 -3.61 5.40 -10.93
N ASP C 31 -4.28 6.54 -11.14
CA ASP C 31 -4.49 7.12 -12.48
C ASP C 31 -4.84 8.59 -12.35
N ILE C 32 -4.81 9.32 -13.49
CA ILE C 32 -5.00 10.77 -13.56
C ILE C 32 -5.78 11.17 -14.81
N ALA C 33 -6.56 12.26 -14.68
CA ALA C 33 -7.30 12.87 -15.79
C ALA C 33 -7.25 14.37 -15.59
N SER C 34 -6.85 15.12 -16.64
CA SER C 34 -6.82 16.59 -16.58
C SER C 34 -8.26 17.02 -16.94
N HIS C 35 -8.63 18.23 -16.62
CA HIS C 35 -9.87 18.97 -16.87
C HIS C 35 -11.15 18.22 -16.46
N VAL C 36 -11.35 18.13 -15.15
CA VAL C 36 -12.49 17.42 -14.58
C VAL C 36 -13.33 18.38 -13.76
N ALA C 37 -14.62 18.48 -14.08
CA ALA C 37 -15.54 19.37 -13.37
C ALA C 37 -16.47 18.51 -12.53
N VAL C 38 -16.83 19.03 -11.35
CA VAL C 38 -17.70 18.37 -10.37
C VAL C 38 -19.06 19.03 -10.31
N TYR C 39 -20.11 18.19 -10.31
CA TYR C 39 -21.50 18.60 -10.21
C TYR C 39 -22.08 17.90 -9.01
N GLN C 40 -23.10 18.50 -8.41
CA GLN C 40 -23.76 17.93 -7.25
C GLN C 40 -25.27 17.89 -7.50
N PHE C 41 -25.93 16.78 -7.14
CA PHE C 41 -27.37 16.68 -7.33
C PHE C 41 -28.15 17.19 -6.08
N ASP C 42 -28.93 18.28 -6.27
CA ASP C 42 -29.72 18.89 -5.19
C ASP C 42 -31.08 18.18 -5.13
N VAL C 43 -31.25 17.27 -4.15
CA VAL C 43 -32.48 16.48 -3.95
C VAL C 43 -33.67 17.39 -3.62
N GLY C 44 -33.41 18.43 -2.82
CA GLY C 44 -34.39 19.44 -2.43
C GLY C 44 -34.40 20.57 -3.43
N SER C 45 -34.69 20.23 -4.71
CA SER C 45 -34.76 21.05 -5.92
C SER C 45 -34.96 20.15 -7.15
N GLN C 46 -34.46 18.87 -7.06
CA GLN C 46 -34.44 17.83 -8.10
C GLN C 46 -33.61 18.28 -9.33
N LYS C 47 -32.51 19.01 -9.05
CA LYS C 47 -31.67 19.59 -10.10
C LYS C 47 -30.19 19.41 -9.80
N TRP C 48 -29.39 19.40 -10.87
CA TRP C 48 -27.95 19.34 -10.80
C TRP C 48 -27.41 20.76 -10.64
N LEU C 49 -26.31 20.88 -9.88
CA LEU C 49 -25.63 22.14 -9.63
C LEU C 49 -24.18 21.97 -10.03
N LYS C 50 -23.61 22.93 -10.79
CA LYS C 50 -22.21 22.85 -11.15
C LYS C 50 -21.48 23.48 -9.96
N THR C 51 -20.54 22.73 -9.34
CA THR C 51 -19.80 23.24 -8.19
C THR C 51 -18.67 24.18 -8.63
N SER C 52 -17.97 24.78 -7.65
CA SER C 52 -16.82 25.65 -7.90
C SER C 52 -15.54 24.81 -8.13
N ILE C 53 -15.66 23.48 -8.14
CA ILE C 53 -14.50 22.61 -8.27
C ILE C 53 -14.32 22.08 -9.70
N GLU C 54 -13.17 22.45 -10.28
CA GLU C 54 -12.71 22.01 -11.60
C GLU C 54 -11.17 21.98 -11.57
N GLY C 55 -10.59 20.88 -12.02
CA GLY C 55 -9.14 20.75 -12.10
C GLY C 55 -8.70 19.37 -12.46
N THR C 56 -7.55 18.97 -11.94
CA THR C 56 -6.97 17.67 -12.22
C THR C 56 -7.51 16.64 -11.27
N PHE C 57 -7.95 15.51 -11.83
CA PHE C 57 -8.49 14.37 -11.11
C PHE C 57 -7.38 13.36 -10.88
N PHE C 58 -7.29 12.84 -9.66
CA PHE C 58 -6.33 11.83 -9.26
C PHE C 58 -7.05 10.65 -8.63
N LEU C 59 -6.97 9.45 -9.25
CA LEU C 59 -7.57 8.27 -8.60
C LEU C 59 -6.48 7.78 -7.65
N VAL C 60 -6.81 7.60 -6.38
CA VAL C 60 -5.83 7.26 -5.36
C VAL C 60 -6.19 6.05 -4.51
N LYS C 61 -5.18 5.52 -3.80
CA LYS C 61 -5.30 4.44 -2.82
C LYS C 61 -4.78 4.99 -1.50
N ASP C 62 -5.50 4.75 -0.39
CA ASP C 62 -4.98 5.19 0.90
C ASP C 62 -4.10 4.07 1.49
N GLN C 63 -3.65 4.22 2.74
CA GLN C 63 -2.76 3.24 3.40
C GLN C 63 -3.42 1.87 3.66
N ARG C 64 -4.76 1.82 3.66
CA ARG C 64 -5.55 0.59 3.89
C ARG C 64 -6.12 0.03 2.58
N ALA C 65 -5.56 0.48 1.43
CA ALA C 65 -5.94 0.14 0.06
C ALA C 65 -7.37 0.58 -0.34
N ARG C 66 -7.97 1.54 0.40
CA ARG C 66 -9.29 2.08 0.04
C ARG C 66 -9.09 2.96 -1.17
N VAL C 67 -9.98 2.86 -2.11
CA VAL C 67 -9.89 3.60 -3.36
C VAL C 67 -10.69 4.89 -3.23
N GLY C 68 -10.15 5.98 -3.77
CA GLY C 68 -10.84 7.26 -3.76
C GLY C 68 -10.30 8.17 -4.83
N TYR C 69 -10.75 9.43 -4.83
CA TYR C 69 -10.23 10.39 -5.80
C TYR C 69 -10.14 11.76 -5.24
N VAL C 70 -9.14 12.50 -5.75
CA VAL C 70 -8.91 13.88 -5.37
C VAL C 70 -9.06 14.71 -6.62
N ILE C 71 -9.77 15.84 -6.50
CA ILE C 71 -9.80 16.86 -7.55
C ILE C 71 -9.07 18.08 -6.97
N LEU C 72 -7.87 18.41 -7.55
CA LEU C 72 -7.07 19.56 -7.11
C LEU C 72 -7.55 20.75 -7.94
N ASN C 73 -8.25 21.66 -7.30
CA ASN C 73 -8.87 22.83 -7.91
C ASN C 73 -7.87 23.91 -8.33
N ARG C 74 -7.93 24.34 -9.59
CA ARG C 74 -7.05 25.38 -10.12
C ARG C 74 -7.61 26.80 -9.95
N ASN C 75 -8.94 26.92 -9.85
CA ASN C 75 -9.66 28.19 -9.70
C ASN C 75 -9.54 28.73 -8.27
N SER C 76 -10.04 27.95 -7.28
CA SER C 76 -10.05 28.31 -5.86
C SER C 76 -9.33 27.26 -4.98
N PRO C 77 -8.84 27.60 -3.76
CA PRO C 77 -8.09 26.61 -2.95
C PRO C 77 -8.87 25.36 -2.51
N GLU C 78 -10.20 25.37 -2.66
CA GLU C 78 -11.06 24.24 -2.27
C GLU C 78 -10.93 23.02 -3.18
N ASN C 79 -10.36 21.94 -2.64
CA ASN C 79 -10.18 20.67 -3.35
C ASN C 79 -11.23 19.68 -2.87
N LEU C 80 -11.33 18.53 -3.54
CA LEU C 80 -12.29 17.51 -3.14
C LEU C 80 -11.61 16.15 -3.06
N TYR C 81 -11.84 15.42 -1.94
CA TYR C 81 -11.36 14.04 -1.76
C TYR C 81 -12.54 13.19 -1.32
N LEU C 82 -12.92 12.21 -2.15
CA LEU C 82 -14.01 11.28 -1.82
C LEU C 82 -13.53 9.84 -1.96
N PHE C 83 -14.15 8.91 -1.22
CA PHE C 83 -13.86 7.48 -1.38
C PHE C 83 -14.90 6.87 -2.29
N ILE C 84 -14.52 5.77 -2.97
CA ILE C 84 -15.46 4.99 -3.75
C ILE C 84 -15.52 3.69 -2.93
N ASN C 85 -16.55 3.60 -2.11
CA ASN C 85 -16.75 2.54 -1.14
C ASN C 85 -17.17 1.22 -1.73
N HIS C 86 -17.97 1.24 -2.81
CA HIS C 86 -18.45 0.02 -3.45
CA HIS C 86 -18.45 0.02 -3.46
C HIS C 86 -18.46 0.23 -4.96
N PRO C 87 -18.06 -0.77 -5.80
CA PRO C 87 -18.07 -0.54 -7.26
C PRO C 87 -19.42 -0.16 -7.86
N SER C 88 -20.53 -0.65 -7.29
CA SER C 88 -21.89 -0.36 -7.77
C SER C 88 -22.29 1.12 -7.58
N ASN C 89 -21.52 1.86 -6.76
CA ASN C 89 -21.77 3.27 -6.51
C ASN C 89 -21.34 4.18 -7.63
N VAL C 90 -20.59 3.65 -8.63
CA VAL C 90 -20.11 4.46 -9.75
C VAL C 90 -20.72 3.94 -11.05
N HIS C 91 -21.36 4.85 -11.80
CA HIS C 91 -22.00 4.51 -13.07
C HIS C 91 -21.55 5.47 -14.16
N LEU C 92 -21.26 4.91 -15.35
CA LEU C 92 -20.90 5.74 -16.48
C LEU C 92 -22.25 5.98 -17.16
N VAL C 93 -22.80 7.18 -16.98
CA VAL C 93 -24.12 7.57 -17.49
C VAL C 93 -23.93 8.68 -18.52
N ASP C 94 -24.17 8.35 -19.80
CA ASP C 94 -24.02 9.27 -20.93
C ASP C 94 -22.55 9.75 -21.02
N ARG C 95 -22.28 11.02 -20.74
CA ARG C 95 -20.95 11.60 -20.81
C ARG C 95 -20.34 11.82 -19.38
N TYR C 96 -21.00 11.29 -18.35
CA TYR C 96 -20.59 11.55 -16.97
C TYR C 96 -20.38 10.32 -16.10
N LEU C 97 -19.48 10.45 -15.10
CA LEU C 97 -19.31 9.44 -14.08
C LEU C 97 -20.23 9.91 -12.92
N ILE C 98 -21.22 9.10 -12.58
CA ILE C 98 -22.18 9.40 -11.52
C ILE C 98 -21.78 8.58 -10.34
N HIS C 99 -21.44 9.25 -9.24
CA HIS C 99 -20.99 8.64 -8.01
C HIS C 99 -22.04 8.86 -6.94
N ARG C 100 -22.73 7.79 -6.58
CA ARG C 100 -23.81 7.84 -5.60
C ARG C 100 -23.39 7.07 -4.37
N THR C 101 -22.92 7.78 -3.36
CA THR C 101 -22.47 7.17 -2.10
C THR C 101 -23.63 6.79 -1.19
N GLU C 102 -24.75 7.47 -1.35
CA GLU C 102 -25.98 7.27 -0.59
C GLU C 102 -27.12 7.75 -1.50
N ASN C 103 -28.33 7.19 -1.33
CA ASN C 103 -29.52 7.47 -2.15
C ASN C 103 -29.67 8.97 -2.47
N GLN C 104 -29.52 9.80 -1.45
CA GLN C 104 -29.69 11.24 -1.54
C GLN C 104 -28.41 12.01 -1.82
N HIS C 105 -27.25 11.32 -1.86
CA HIS C 105 -25.98 12.01 -2.04
C HIS C 105 -25.27 11.57 -3.30
N VAL C 106 -25.46 12.37 -4.35
CA VAL C 106 -24.93 12.05 -5.67
C VAL C 106 -24.07 13.20 -6.17
N VAL C 107 -22.91 12.84 -6.75
CA VAL C 107 -21.99 13.76 -7.42
C VAL C 107 -21.81 13.26 -8.87
N GLY C 108 -21.54 14.18 -9.76
CA GLY C 108 -21.33 13.89 -11.18
C GLY C 108 -20.00 14.48 -11.61
N LEU C 109 -19.22 13.70 -12.37
CA LEU C 109 -17.93 14.13 -12.88
C LEU C 109 -17.97 14.19 -14.40
N TRP C 110 -17.47 15.28 -14.96
CA TRP C 110 -17.33 15.42 -16.40
C TRP C 110 -15.83 15.53 -16.66
N MET C 111 -15.32 14.76 -17.63
CA MET C 111 -13.92 14.79 -18.00
C MET C 111 -13.84 15.27 -19.44
N PHE C 112 -12.90 16.17 -19.72
CA PHE C 112 -12.74 16.71 -21.06
C PHE C 112 -12.57 15.59 -22.09
N ASP C 113 -11.64 14.67 -21.81
CA ASP C 113 -11.35 13.57 -22.72
C ASP C 113 -12.26 12.39 -22.40
N PRO C 114 -13.20 12.00 -23.29
CA PRO C 114 -14.06 10.82 -22.98
C PRO C 114 -13.27 9.53 -22.74
N ASN C 115 -12.07 9.40 -23.35
CA ASN C 115 -11.18 8.25 -23.15
C ASN C 115 -10.67 8.16 -21.73
N ASP C 116 -10.43 9.30 -21.05
CA ASP C 116 -9.98 9.26 -19.65
C ASP C 116 -11.11 8.67 -18.79
N MET C 117 -12.35 9.04 -19.06
CA MET C 117 -13.50 8.59 -18.28
C MET C 117 -13.72 7.08 -18.33
N SER C 118 -13.77 6.51 -19.57
CA SER C 118 -13.95 5.08 -19.77
C SER C 118 -12.79 4.30 -19.14
N ARG C 119 -11.53 4.80 -19.28
CA ARG C 119 -10.36 4.17 -18.66
C ARG C 119 -10.49 4.22 -17.11
N ILE C 120 -10.74 5.42 -16.53
CA ILE C 120 -10.90 5.63 -15.06
C ILE C 120 -12.04 4.72 -14.54
N PHE C 121 -13.18 4.65 -15.25
CA PHE C 121 -14.30 3.78 -14.84
C PHE C 121 -13.79 2.32 -14.61
N ASN C 122 -13.06 1.78 -15.60
CA ASN C 122 -12.52 0.42 -15.55
C ASN C 122 -11.53 0.28 -14.41
N ILE C 123 -10.64 1.25 -14.27
CA ILE C 123 -9.62 1.21 -13.21
C ILE C 123 -10.29 1.24 -11.85
N VAL C 124 -11.37 2.01 -11.69
CA VAL C 124 -12.15 2.05 -10.44
C VAL C 124 -12.66 0.64 -10.13
N LYS C 125 -13.36 0.02 -11.09
CA LYS C 125 -13.90 -1.33 -10.90
C LYS C 125 -12.83 -2.36 -10.59
N GLU C 126 -11.73 -2.35 -11.36
CA GLU C 126 -10.65 -3.32 -11.16
C GLU C 126 -9.91 -3.09 -9.85
N SER C 127 -9.79 -1.82 -9.40
CA SER C 127 -9.17 -1.46 -8.12
C SER C 127 -9.99 -1.97 -6.92
N LEU C 128 -11.32 -2.18 -7.12
CA LEU C 128 -12.21 -2.65 -6.07
C LEU C 128 -12.51 -4.14 -6.15
N LEU C 129 -12.01 -4.79 -7.20
CA LEU C 129 -12.17 -6.22 -7.47
C LEU C 129 -11.37 -7.03 -6.44
N ARG C 130 -12.03 -8.00 -5.79
CA ARG C 130 -11.41 -8.89 -4.79
C ARG C 130 -11.46 -10.35 -5.21
N THR D 8 -19.25 17.60 -29.15
CA THR D 8 -18.68 17.59 -27.80
C THR D 8 -18.78 18.95 -27.10
N PHE D 9 -18.21 19.05 -25.89
CA PHE D 9 -18.19 20.28 -25.08
C PHE D 9 -16.77 20.86 -25.05
N THR D 10 -16.66 22.16 -25.35
CA THR D 10 -15.41 22.91 -25.37
C THR D 10 -14.93 23.16 -23.93
N HIS D 11 -15.84 23.64 -23.07
CA HIS D 11 -15.61 23.88 -21.63
C HIS D 11 -16.63 22.98 -20.88
N SER D 12 -16.52 22.89 -19.54
CA SER D 12 -17.43 22.05 -18.77
C SER D 12 -18.90 22.37 -19.03
N PRO D 13 -19.71 21.34 -19.35
CA PRO D 13 -21.12 21.58 -19.70
C PRO D 13 -21.94 22.20 -18.57
N ALA D 14 -23.05 22.86 -18.94
CA ALA D 14 -23.96 23.43 -17.95
C ALA D 14 -24.58 22.26 -17.18
N ALA D 15 -24.84 22.45 -15.88
CA ALA D 15 -25.43 21.44 -15.01
C ALA D 15 -26.72 20.82 -15.58
N SER D 16 -27.47 21.59 -16.38
CA SER D 16 -28.72 21.16 -17.03
C SER D 16 -28.53 20.01 -18.03
N ASN D 17 -27.28 19.76 -18.50
CA ASN D 17 -27.00 18.67 -19.45
C ASN D 17 -26.90 17.30 -18.76
N LEU D 18 -26.73 17.26 -17.42
CA LEU D 18 -26.55 16.02 -16.68
C LEU D 18 -27.83 15.20 -16.54
N PRO D 19 -27.71 13.84 -16.66
CA PRO D 19 -28.91 12.99 -16.54
C PRO D 19 -29.46 12.94 -15.11
N ILE D 20 -30.77 12.80 -14.98
CA ILE D 20 -31.37 12.74 -13.64
C ILE D 20 -31.32 11.32 -13.03
N PRO D 21 -30.64 11.14 -11.86
CA PRO D 21 -30.56 9.81 -11.23
C PRO D 21 -31.91 9.18 -10.90
N THR D 22 -31.96 7.83 -10.91
CA THR D 22 -33.17 7.03 -10.66
C THR D 22 -33.29 6.59 -9.20
#